data_4GOT
#
_entry.id   4GOT
#
_cell.length_a   120.440
_cell.length_b   39.130
_cell.length_c   55.663
_cell.angle_alpha   90.000
_cell.angle_beta   100.910
_cell.angle_gamma   90.000
#
_symmetry.space_group_name_H-M   'C 1 2 1'
#
loop_
_entity.id
_entity.type
_entity.pdbx_description
1 polymer 'Methionine-binding lipoprotein metQ'
2 non-polymer SELENOMETHIONINE
3 non-polymer 'SULFATE ION'
4 water water
#
_entity_poly.entity_id   1
_entity_poly.type   'polypeptide(L)'
_entity_poly.pdbx_seq_one_letter_code
;GESGKKEIVVAATKTPHAEILKEAEPLLKEKGYTLKVKVLSDYK(MSE)YNKALADKEVDANYFQHIPYLEQE(MSE)KE
NTDYKLVNAGAVHLEPFGIYSKTYKSLKDLPDGATIILTNNVAEQGR(MSE)LA(MSE)LENAGLITLDSKVETVDATLK
DIKKNPKNLEFKKVAPELTAKAYENKEGDAVFINVNYAIQNKLNPKKDAIEVESTKNNPYANIIAVRKGEEDSAKIKAL
(MSE)EVLHSKKIKDFIEKKYDGAVLPVSE
;
_entity_poly.pdbx_strand_id   A
#
# COMPACT_ATOMS: atom_id res chain seq x y z
N SER A 3 -6.39 -22.22 -23.06
CA SER A 3 -6.71 -22.58 -21.64
C SER A 3 -5.72 -21.88 -20.68
N GLY A 4 -4.42 -22.19 -20.83
CA GLY A 4 -3.35 -21.45 -20.15
C GLY A 4 -3.18 -20.02 -20.68
N LYS A 5 -3.55 -19.81 -21.94
CA LYS A 5 -3.63 -18.46 -22.48
C LYS A 5 -4.81 -17.71 -21.87
N LYS A 6 -5.80 -18.42 -21.33
CA LYS A 6 -6.98 -17.83 -20.64
C LYS A 6 -6.90 -17.78 -19.11
N GLU A 7 -5.77 -18.15 -18.52
CA GLU A 7 -5.57 -18.13 -17.06
C GLU A 7 -4.74 -16.91 -16.68
N ILE A 8 -5.17 -16.21 -15.64
CA ILE A 8 -4.47 -15.04 -15.18
C ILE A 8 -3.87 -15.44 -13.83
N VAL A 9 -2.55 -15.44 -13.76
CA VAL A 9 -1.78 -15.70 -12.51
C VAL A 9 -1.38 -14.35 -11.90
N VAL A 10 -1.80 -14.10 -10.66
CA VAL A 10 -1.54 -12.82 -10.02
C VAL A 10 -0.89 -13.01 -8.64
N ALA A 11 0.23 -12.30 -8.38
CA ALA A 11 0.82 -12.24 -7.01
C ALA A 11 0.20 -11.05 -6.30
N ALA A 12 -0.36 -11.31 -5.11
CA ALA A 12 -1.09 -10.31 -4.31
C ALA A 12 -0.82 -10.49 -2.81
N THR A 13 -0.80 -9.37 -2.07
CA THR A 13 -0.68 -9.43 -0.62
C THR A 13 -2.02 -10.05 -0.10
N LYS A 14 -1.95 -10.68 1.07
CA LYS A 14 -3.04 -11.51 1.59
C LYS A 14 -4.37 -10.83 1.73
N THR A 15 -4.33 -9.61 2.25
CA THR A 15 -5.52 -8.80 2.48
C THR A 15 -5.22 -7.28 2.40
N PRO A 16 -6.06 -6.53 1.69
CA PRO A 16 -7.30 -7.02 1.05
C PRO A 16 -7.14 -7.64 -0.33
N HIS A 17 -5.93 -7.56 -0.90
CA HIS A 17 -5.75 -7.75 -2.32
C HIS A 17 -6.11 -9.20 -2.77
N ALA A 18 -5.60 -10.22 -2.08
CA ALA A 18 -5.95 -11.63 -2.47
C ALA A 18 -7.47 -11.92 -2.23
N GLU A 19 -8.07 -11.34 -1.21
CA GLU A 19 -9.53 -11.46 -0.97
C GLU A 19 -10.40 -10.78 -2.09
N ILE A 20 -9.96 -9.62 -2.57
CA ILE A 20 -10.66 -8.94 -3.66
C ILE A 20 -10.60 -9.78 -4.93
N LEU A 21 -9.41 -10.33 -5.22
CA LEU A 21 -9.24 -11.27 -6.35
C LEU A 21 -10.13 -12.52 -6.21
N LYS A 22 -10.23 -13.08 -5.02
CA LYS A 22 -11.08 -14.24 -4.82
C LYS A 22 -12.53 -13.84 -5.06
N GLU A 23 -12.93 -12.65 -4.67
CA GLU A 23 -14.30 -12.20 -4.99
C GLU A 23 -14.50 -12.04 -6.53
N ALA A 24 -13.48 -11.53 -7.24
CA ALA A 24 -13.47 -11.33 -8.70
C ALA A 24 -13.45 -12.65 -9.49
N GLU A 25 -13.05 -13.76 -8.87
CA GLU A 25 -12.92 -15.05 -9.60
C GLU A 25 -14.17 -15.55 -10.40
N PRO A 26 -15.36 -15.57 -9.79
CA PRO A 26 -16.53 -15.99 -10.58
C PRO A 26 -16.95 -15.00 -11.70
N LEU A 27 -16.67 -13.72 -11.49
CA LEU A 27 -16.90 -12.73 -12.50
C LEU A 27 -15.91 -12.87 -13.70
N LEU A 28 -14.67 -13.26 -13.42
CA LEU A 28 -13.71 -13.58 -14.50
C LEU A 28 -14.07 -14.85 -15.29
N LYS A 29 -14.56 -15.88 -14.62
CA LYS A 29 -15.06 -17.09 -15.30
C LYS A 29 -16.25 -16.75 -16.23
N GLU A 30 -17.10 -15.81 -15.82
CA GLU A 30 -18.19 -15.29 -16.70
C GLU A 30 -17.70 -14.58 -17.98
N LYS A 31 -16.43 -14.18 -17.99
CA LYS A 31 -15.75 -13.60 -19.13
C LYS A 31 -14.85 -14.58 -19.85
N GLY A 32 -14.77 -15.82 -19.38
CA GLY A 32 -13.94 -16.83 -20.02
C GLY A 32 -12.54 -17.06 -19.46
N TYR A 33 -12.18 -16.42 -18.32
CA TYR A 33 -10.83 -16.52 -17.76
C TYR A 33 -10.77 -17.16 -16.38
N THR A 34 -9.74 -17.96 -16.15
CA THR A 34 -9.45 -18.51 -14.80
C THR A 34 -8.41 -17.62 -14.07
N LEU A 35 -8.28 -17.86 -12.76
CA LEU A 35 -7.47 -17.05 -11.87
C LEU A 35 -6.66 -17.94 -10.93
N LYS A 36 -5.38 -17.63 -10.79
CA LYS A 36 -4.50 -18.27 -9.81
C LYS A 36 -3.88 -17.13 -9.02
N VAL A 37 -4.02 -17.17 -7.69
CA VAL A 37 -3.45 -16.14 -6.80
C VAL A 37 -2.30 -16.69 -5.93
N LYS A 38 -1.14 -16.02 -6.01
CA LYS A 38 0.02 -16.30 -5.17
C LYS A 38 0.21 -15.17 -4.13
N VAL A 39 0.32 -15.53 -2.84
CA VAL A 39 0.63 -14.53 -1.78
C VAL A 39 2.12 -14.72 -1.47
N LEU A 40 2.88 -13.63 -1.33
CA LEU A 40 4.34 -13.70 -1.10
C LEU A 40 4.67 -13.10 0.28
N SER A 41 5.84 -13.41 0.83
CA SER A 41 6.15 -13.03 2.24
C SER A 41 6.51 -11.56 2.46
N ASP A 42 6.97 -10.85 1.44
CA ASP A 42 7.22 -9.40 1.61
C ASP A 42 7.20 -8.66 0.30
N TYR A 43 6.97 -7.34 0.42
CA TYR A 43 6.72 -6.44 -0.65
C TYR A 43 7.77 -6.56 -1.74
N LYS A 44 9.03 -6.83 -1.39
CA LYS A 44 10.11 -6.84 -2.39
C LYS A 44 9.98 -8.03 -3.36
N TYR A 46 7.20 -9.16 -4.95
CA TYR A 46 6.10 -9.12 -5.92
C TYR A 46 6.56 -8.67 -7.31
N ASN A 47 7.31 -7.58 -7.41
CA ASN A 47 7.83 -7.12 -8.70
C ASN A 47 8.86 -8.05 -9.27
N LYS A 48 9.65 -8.67 -8.40
CA LYS A 48 10.60 -9.71 -8.83
C LYS A 48 9.90 -10.88 -9.51
N ALA A 49 8.80 -11.35 -8.92
CA ALA A 49 8.04 -12.50 -9.48
C ALA A 49 7.50 -12.15 -10.88
N LEU A 50 6.98 -10.91 -11.02
CA LEU A 50 6.43 -10.44 -12.28
C LEU A 50 7.51 -10.34 -13.33
N ALA A 51 8.60 -9.63 -13.02
CA ALA A 51 9.75 -9.51 -13.91
C ALA A 51 10.33 -10.89 -14.29
N ASP A 52 10.25 -11.86 -13.38
CA ASP A 52 10.76 -13.25 -13.66
C ASP A 52 9.75 -14.11 -14.44
N LYS A 53 8.59 -13.55 -14.78
CA LYS A 53 7.53 -14.26 -15.54
C LYS A 53 6.89 -15.43 -14.78
N GLU A 54 6.93 -15.40 -13.45
CA GLU A 54 6.23 -16.41 -12.63
C GLU A 54 4.76 -16.06 -12.49
N VAL A 55 4.41 -14.80 -12.71
CA VAL A 55 3.01 -14.37 -12.69
C VAL A 55 2.77 -13.43 -13.87
N ASP A 56 1.50 -13.19 -14.17
CA ASP A 56 1.08 -12.27 -15.24
C ASP A 56 0.92 -10.82 -14.74
N ALA A 57 0.67 -10.69 -13.45
CA ALA A 57 0.32 -9.42 -12.84
C ALA A 57 0.58 -9.53 -11.35
N ASN A 58 0.81 -8.38 -10.72
CA ASN A 58 0.80 -8.31 -9.27
C ASN A 58 -0.19 -7.20 -8.84
N TYR A 59 -0.67 -7.29 -7.60
CA TYR A 59 -1.68 -6.38 -7.04
C TYR A 59 -1.28 -6.22 -5.57
N PHE A 60 -0.49 -5.20 -5.32
CA PHE A 60 0.10 -4.95 -3.97
C PHE A 60 0.63 -3.54 -3.72
N GLN A 61 0.90 -2.73 -4.75
CA GLN A 61 1.69 -1.48 -4.61
C GLN A 61 0.99 -0.27 -5.16
N HIS A 62 1.57 0.90 -4.97
CA HIS A 62 1.10 2.14 -5.61
C HIS A 62 2.15 2.60 -6.63
N ILE A 63 1.86 3.65 -7.39
CA ILE A 63 2.74 4.11 -8.47
C ILE A 63 4.12 4.58 -7.92
N PRO A 64 4.15 5.35 -6.80
CA PRO A 64 5.45 5.75 -6.22
C PRO A 64 6.30 4.50 -5.85
N TYR A 65 5.67 3.46 -5.34
CA TYR A 65 6.43 2.28 -5.00
C TYR A 65 7.03 1.65 -6.27
N LEU A 66 6.19 1.50 -7.30
CA LEU A 66 6.59 0.93 -8.60
C LEU A 66 7.75 1.73 -9.22
N GLU A 67 7.63 3.07 -9.21
CA GLU A 67 8.70 3.93 -9.73
C GLU A 67 10.04 3.77 -9.04
N GLN A 68 10.01 3.80 -7.71
CA GLN A 68 11.21 3.50 -6.92
C GLN A 68 11.82 2.14 -7.27
N GLU A 69 10.97 1.12 -7.38
CA GLU A 69 11.46 -0.25 -7.69
C GLU A 69 12.19 -0.31 -9.03
N LYS A 71 13.58 2.36 -10.55
CA LYS A 71 14.83 3.12 -10.32
C LYS A 71 15.93 2.22 -9.72
N GLU A 72 15.57 1.41 -8.75
CA GLU A 72 16.54 0.50 -8.11
C GLU A 72 16.93 -0.75 -8.93
N ASN A 73 16.00 -1.28 -9.72
CA ASN A 73 16.27 -2.47 -10.55
C ASN A 73 15.98 -2.14 -12.01
N THR A 74 17.02 -1.83 -12.78
CA THR A 74 16.85 -1.48 -14.21
C THR A 74 16.39 -2.66 -15.08
N ASP A 75 16.49 -3.88 -14.56
CA ASP A 75 15.92 -5.08 -15.24
CA ASP A 75 15.93 -5.08 -15.22
C ASP A 75 14.37 -5.17 -15.17
N TYR A 76 13.72 -4.42 -14.28
CA TYR A 76 12.23 -4.41 -14.21
C TYR A 76 11.60 -3.49 -15.27
N LYS A 77 11.02 -4.07 -16.31
CA LYS A 77 10.31 -3.29 -17.33
C LYS A 77 8.83 -3.54 -17.08
N LEU A 78 8.28 -2.80 -16.13
CA LEU A 78 6.92 -2.99 -15.66
C LEU A 78 6.08 -1.78 -16.00
N VAL A 79 4.76 -1.97 -16.03
CA VAL A 79 3.81 -0.88 -16.32
CA VAL A 79 3.81 -0.85 -16.29
C VAL A 79 2.60 -1.00 -15.40
N ASN A 80 2.00 0.15 -15.08
CA ASN A 80 0.72 0.26 -14.37
C ASN A 80 -0.39 -0.12 -15.37
N ALA A 81 -1.14 -1.19 -15.09
CA ALA A 81 -2.28 -1.55 -15.89
C ALA A 81 -3.54 -0.78 -15.44
N GLY A 82 -3.53 -0.15 -14.25
CA GLY A 82 -4.68 0.63 -13.74
C GLY A 82 -4.86 0.55 -12.21
N ALA A 83 -5.29 1.68 -11.64
CA ALA A 83 -5.62 1.77 -10.20
C ALA A 83 -6.97 1.04 -9.85
N VAL A 84 -7.06 0.53 -8.63
CA VAL A 84 -8.22 -0.26 -8.14
C VAL A 84 -8.84 0.32 -6.84
N HIS A 85 -7.97 0.63 -5.88
CA HIS A 85 -8.32 0.98 -4.50
C HIS A 85 -7.21 1.79 -3.80
N LEU A 86 -7.65 2.55 -2.82
CA LEU A 86 -6.80 3.33 -1.91
C LEU A 86 -6.87 2.74 -0.45
N GLU A 87 -5.74 2.76 0.23
CA GLU A 87 -5.65 2.41 1.66
C GLU A 87 -5.08 3.60 2.46
N PRO A 88 -5.93 4.53 2.95
CA PRO A 88 -5.36 5.58 3.79
C PRO A 88 -4.50 5.03 4.97
N PHE A 89 -3.23 5.49 4.98
CA PHE A 89 -2.19 5.12 5.93
C PHE A 89 -2.61 5.45 7.38
N GLY A 90 -2.18 4.60 8.29
CA GLY A 90 -2.45 4.76 9.73
C GLY A 90 -1.21 4.85 10.61
N ILE A 91 -1.36 5.64 11.67
CA ILE A 91 -0.46 5.67 12.82
C ILE A 91 -1.17 5.11 14.06
N TYR A 92 -0.43 4.27 14.79
CA TYR A 92 -0.96 3.46 15.89
C TYR A 92 -0.07 3.68 17.12
N SER A 93 -0.68 3.63 18.31
CA SER A 93 0.06 3.65 19.58
C SER A 93 -0.73 2.91 20.64
N LYS A 94 -0.07 2.07 21.46
CA LYS A 94 -0.75 1.50 22.65
C LYS A 94 -0.72 2.46 23.84
N THR A 95 0.10 3.51 23.74
CA THR A 95 0.53 4.30 24.89
C THR A 95 0.03 5.76 24.82
N TYR A 96 -0.12 6.34 23.62
CA TYR A 96 -0.69 7.67 23.47
C TYR A 96 -1.94 7.69 22.58
N LYS A 97 -2.84 8.61 22.90
CA LYS A 97 -4.17 8.68 22.31
C LYS A 97 -4.19 9.51 21.02
N SER A 98 -3.23 10.41 20.88
CA SER A 98 -3.11 11.22 19.69
C SER A 98 -1.69 11.79 19.52
N LEU A 99 -1.37 12.29 18.34
CA LEU A 99 -0.01 12.78 18.09
C LEU A 99 0.31 14.05 18.91
N LYS A 100 -0.72 14.86 19.22
CA LYS A 100 -0.51 16.09 20.00
C LYS A 100 0.04 15.79 21.40
N ASP A 101 -0.11 14.53 21.83
CA ASP A 101 0.21 14.13 23.21
C ASP A 101 1.62 13.58 23.34
N LEU A 102 2.28 13.29 22.21
CA LEU A 102 3.66 12.81 22.23
C LEU A 102 4.58 13.83 22.90
N PRO A 103 5.54 13.33 23.68
CA PRO A 103 6.44 14.18 24.43
C PRO A 103 7.70 14.49 23.65
N ASP A 104 8.48 15.48 24.09
CA ASP A 104 9.79 15.72 23.50
C ASP A 104 10.64 14.45 23.52
N GLY A 105 11.38 14.21 22.45
CA GLY A 105 12.21 13.02 22.33
C GLY A 105 11.47 11.76 21.94
N ALA A 106 10.17 11.86 21.69
CA ALA A 106 9.38 10.69 21.34
C ALA A 106 9.99 9.99 20.12
N THR A 107 9.87 8.66 20.11
CA THR A 107 10.34 7.75 19.03
C THR A 107 9.18 7.36 18.11
N ILE A 108 9.40 7.62 16.82
CA ILE A 108 8.45 7.34 15.74
C ILE A 108 9.01 6.15 14.97
N ILE A 109 8.23 5.07 14.88
CA ILE A 109 8.61 3.89 14.09
C ILE A 109 8.01 4.03 12.68
N LEU A 110 8.88 4.45 11.79
CA LEU A 110 8.66 4.46 10.35
C LEU A 110 8.81 3.05 9.80
N THR A 111 8.22 2.80 8.63
CA THR A 111 8.58 1.59 7.89
C THR A 111 9.84 1.94 7.11
N ASN A 112 10.54 0.90 6.66
CA ASN A 112 11.75 1.05 5.86
C ASN A 112 11.47 1.09 4.33
N ASN A 113 10.19 1.26 3.96
CA ASN A 113 9.74 1.40 2.56
C ASN A 113 10.22 2.76 2.02
N VAL A 114 11.32 2.73 1.26
CA VAL A 114 11.94 3.95 0.73
C VAL A 114 10.93 4.86 0.04
N ALA A 115 10.12 4.26 -0.86
CA ALA A 115 9.07 4.98 -1.60
C ALA A 115 8.03 5.70 -0.74
N GLU A 116 7.82 5.23 0.49
CA GLU A 116 6.80 5.81 1.35
C GLU A 116 7.35 6.77 2.42
N GLN A 117 8.63 7.16 2.33
CA GLN A 117 9.18 8.04 3.36
C GLN A 117 8.47 9.39 3.39
N GLY A 118 8.16 9.95 2.22
CA GLY A 118 7.42 11.21 2.14
C GLY A 118 5.96 11.08 2.61
N ARG A 119 5.34 9.93 2.34
CA ARG A 119 3.94 9.66 2.76
C ARG A 119 3.79 9.72 4.30
N LEU A 121 6.13 11.11 6.52
CA LEU A 121 6.48 12.42 7.03
C LEU A 121 5.38 13.47 6.81
N ALA A 122 4.58 13.30 5.75
CA ALA A 122 3.55 14.26 5.37
C ALA A 122 2.43 14.22 6.43
N LEU A 124 2.96 13.53 9.64
CA LEU A 124 3.51 14.24 10.77
C LEU A 124 3.49 15.75 10.51
N GLU A 125 3.71 16.19 9.27
CA GLU A 125 3.74 17.62 8.99
C GLU A 125 2.31 18.18 9.10
N ASN A 126 1.36 17.44 8.55
CA ASN A 126 -0.07 17.77 8.65
C ASN A 126 -0.56 17.82 10.11
N ALA A 127 -0.04 16.93 10.97
CA ALA A 127 -0.30 16.95 12.44
C ALA A 127 0.36 18.13 13.20
N GLY A 128 1.22 18.89 12.51
CA GLY A 128 1.96 20.02 13.10
C GLY A 128 3.18 19.63 13.93
N LEU A 129 3.66 18.39 13.83
CA LEU A 129 4.84 17.97 14.59
C LEU A 129 6.16 18.38 13.94
N ILE A 130 6.23 18.38 12.60
CA ILE A 130 7.45 18.73 11.84
C ILE A 130 7.12 19.65 10.66
N THR A 131 8.13 20.31 10.10
CA THR A 131 7.95 20.99 8.80
C THR A 131 8.97 20.35 7.84
N LEU A 132 8.55 20.19 6.59
CA LEU A 132 9.39 19.66 5.51
C LEU A 132 9.78 20.82 4.59
N ASP A 133 10.97 20.73 4.00
CA ASP A 133 11.44 21.68 2.97
C ASP A 133 10.40 21.85 1.82
N SER A 134 9.82 23.04 1.66
CA SER A 134 8.81 23.23 0.64
C SER A 134 9.35 23.12 -0.81
N LYS A 135 10.68 23.11 -0.98
CA LYS A 135 11.31 22.97 -2.30
C LYS A 135 11.43 21.52 -2.72
N VAL A 136 10.95 20.57 -1.92
CA VAL A 136 10.94 19.21 -2.31
C VAL A 136 9.50 18.71 -2.38
N GLU A 137 9.13 18.06 -3.47
CA GLU A 137 7.85 17.34 -3.54
C GLU A 137 7.73 16.32 -2.38
N THR A 138 6.58 16.37 -1.74
CA THR A 138 6.25 15.49 -0.62
C THR A 138 6.53 14.04 -0.92
N VAL A 139 6.14 13.59 -2.13
CA VAL A 139 6.32 12.18 -2.54
C VAL A 139 7.79 11.79 -2.59
N ASP A 140 8.64 12.79 -2.85
CA ASP A 140 10.11 12.64 -2.84
C ASP A 140 10.80 13.00 -1.51
N ALA A 141 10.07 13.41 -0.49
CA ALA A 141 10.67 13.84 0.78
C ALA A 141 11.29 12.68 1.55
N THR A 142 12.45 12.92 2.15
CA THR A 142 13.01 11.99 3.14
C THR A 142 13.30 12.71 4.48
N LEU A 143 13.85 11.94 5.41
CA LEU A 143 14.31 12.51 6.69
C LEU A 143 15.30 13.66 6.51
N LYS A 144 16.17 13.60 5.50
CA LYS A 144 17.08 14.72 5.18
C LYS A 144 16.33 16.03 4.95
N ASP A 145 15.04 15.96 4.63
CA ASP A 145 14.25 17.15 4.25
C ASP A 145 13.48 17.81 5.40
N ILE A 146 13.57 17.25 6.61
CA ILE A 146 12.99 17.89 7.80
C ILE A 146 13.65 19.27 8.09
N LYS A 147 12.83 20.32 8.11
CA LYS A 147 13.34 21.66 8.45
C LYS A 147 13.20 21.94 9.93
N LYS A 148 12.00 21.72 10.48
CA LYS A 148 11.72 21.97 11.90
C LYS A 148 11.21 20.70 12.55
N ASN A 149 11.64 20.50 13.81
CA ASN A 149 11.33 19.32 14.62
C ASN A 149 11.27 19.75 16.09
N PRO A 150 10.25 20.56 16.47
CA PRO A 150 10.34 21.20 17.80
C PRO A 150 10.16 20.24 19.00
N LYS A 151 9.64 19.03 18.76
CA LYS A 151 9.53 18.02 19.80
C LYS A 151 10.74 17.10 19.75
N ASN A 152 11.72 17.40 18.91
CA ASN A 152 12.92 16.54 18.78
C ASN A 152 12.62 15.03 18.71
N LEU A 153 11.73 14.72 17.78
CA LEU A 153 11.31 13.37 17.53
C LEU A 153 12.52 12.61 17.03
N GLU A 154 12.64 11.34 17.43
CA GLU A 154 13.65 10.43 16.93
CA GLU A 154 13.66 10.43 16.88
C GLU A 154 12.95 9.34 16.08
N PHE A 155 13.62 8.84 15.04
CA PHE A 155 12.98 7.92 14.11
C PHE A 155 13.73 6.59 14.05
N LYS A 156 12.97 5.50 13.98
CA LYS A 156 13.51 4.16 13.78
C LYS A 156 12.81 3.58 12.53
N LYS A 157 13.37 2.54 11.91
CA LYS A 157 12.74 1.95 10.75
C LYS A 157 12.58 0.47 10.95
N VAL A 158 11.36 -0.02 10.67
CA VAL A 158 11.03 -1.45 10.77
C VAL A 158 10.43 -1.91 9.42
N ALA A 159 10.63 -3.16 9.06
CA ALA A 159 10.00 -3.69 7.87
C ALA A 159 8.48 -3.50 7.98
N PRO A 160 7.79 -3.18 6.85
CA PRO A 160 6.32 -2.94 6.87
C PRO A 160 5.58 -4.21 7.31
N GLU A 161 6.21 -5.37 7.09
CA GLU A 161 5.66 -6.63 7.53
C GLU A 161 5.66 -6.84 9.06
N LEU A 162 6.41 -6.01 9.77
CA LEU A 162 6.69 -6.22 11.18
C LEU A 162 6.31 -5.02 12.02
N THR A 163 5.86 -3.91 11.42
CA THR A 163 5.43 -2.78 12.23
C THR A 163 4.22 -3.09 13.19
N ALA A 164 3.30 -3.96 12.76
CA ALA A 164 2.25 -4.46 13.69
C ALA A 164 2.88 -5.05 14.98
N LYS A 165 4.01 -5.76 14.85
CA LYS A 165 4.75 -6.25 16.04
C LYS A 165 5.41 -5.11 16.86
N ALA A 166 6.03 -4.12 16.21
CA ALA A 166 6.65 -2.99 16.90
C ALA A 166 5.60 -2.26 17.73
N TYR A 167 4.39 -2.18 17.17
CA TYR A 167 3.20 -1.62 17.85
C TYR A 167 2.80 -2.42 19.08
N GLU A 168 2.58 -3.73 18.91
CA GLU A 168 2.26 -4.59 20.06
C GLU A 168 3.34 -4.62 21.15
N ASN A 169 4.61 -4.58 20.73
CA ASN A 169 5.79 -4.57 21.65
C ASN A 169 6.08 -3.22 22.31
N LYS A 170 5.36 -2.18 21.89
CA LYS A 170 5.56 -0.84 22.40
C LYS A 170 7.00 -0.38 22.21
N GLU A 171 7.57 -0.71 21.05
CA GLU A 171 8.96 -0.37 20.73
C GLU A 171 9.17 1.11 20.48
N GLY A 172 8.11 1.82 20.14
CA GLY A 172 8.22 3.26 19.99
C GLY A 172 7.00 3.89 20.59
N ASP A 173 6.92 5.20 20.52
CA ASP A 173 5.75 5.93 20.99
C ASP A 173 4.54 5.90 20.02
N ALA A 174 4.84 5.82 18.72
CA ALA A 174 3.87 5.84 17.65
C ALA A 174 4.48 5.06 16.48
N VAL A 175 3.62 4.37 15.74
CA VAL A 175 4.07 3.37 14.72
C VAL A 175 3.22 3.45 13.45
N PHE A 176 3.88 3.56 12.28
CA PHE A 176 3.18 3.51 10.97
C PHE A 176 2.89 2.07 10.56
N ILE A 177 1.66 1.79 10.17
CA ILE A 177 1.28 0.44 9.65
C ILE A 177 0.41 0.65 8.37
N ASN A 178 0.83 0.01 7.28
CA ASN A 178 0.08 0.02 6.03
C ASN A 178 -1.22 -0.74 6.26
N VAL A 179 -2.34 -0.29 5.71
CA VAL A 179 -3.63 -0.97 5.93
C VAL A 179 -3.58 -2.50 5.65
N ASN A 180 -2.92 -2.94 4.58
CA ASN A 180 -2.87 -4.40 4.30
C ASN A 180 -2.28 -5.25 5.44
N TYR A 181 -1.18 -4.77 6.02
CA TYR A 181 -0.54 -5.44 7.16
C TYR A 181 -1.26 -5.19 8.45
N ALA A 182 -1.92 -4.01 8.59
CA ALA A 182 -2.78 -3.79 9.76
C ALA A 182 -3.91 -4.79 9.78
N ILE A 183 -4.65 -4.92 8.68
CA ILE A 183 -5.76 -5.90 8.58
C ILE A 183 -5.26 -7.36 8.70
N GLN A 184 -4.10 -7.66 8.11
CA GLN A 184 -3.49 -8.99 8.21
C GLN A 184 -3.21 -9.43 9.67
N ASN A 185 -2.78 -8.48 10.51
CA ASN A 185 -2.68 -8.58 11.97
C ASN A 185 -4.03 -8.44 12.74
N LYS A 186 -5.17 -8.41 12.07
CA LYS A 186 -6.48 -8.34 12.73
C LYS A 186 -6.77 -7.00 13.43
N LEU A 187 -6.08 -5.95 13.01
CA LEU A 187 -6.42 -4.60 13.45
C LEU A 187 -7.53 -4.03 12.54
N ASN A 188 -8.32 -3.14 13.09
CA ASN A 188 -9.32 -2.45 12.31
C ASN A 188 -8.87 -0.98 12.20
N PRO A 189 -8.32 -0.57 11.05
CA PRO A 189 -7.69 0.74 11.00
C PRO A 189 -8.58 1.94 11.43
N LYS A 190 -9.85 1.97 11.04
CA LYS A 190 -10.71 3.11 11.39
C LYS A 190 -11.11 3.19 12.88
N LYS A 191 -11.01 2.09 13.61
CA LYS A 191 -11.32 2.04 15.04
C LYS A 191 -10.07 2.11 15.92
N ASP A 192 -8.94 1.59 15.43
CA ASP A 192 -7.74 1.45 16.23
C ASP A 192 -6.63 2.47 15.96
N ALA A 193 -6.49 2.98 14.74
CA ALA A 193 -5.43 3.98 14.46
C ALA A 193 -5.69 5.29 15.23
N ILE A 194 -4.63 5.99 15.65
CA ILE A 194 -4.74 7.31 16.33
C ILE A 194 -4.71 8.52 15.33
N GLU A 195 -4.27 8.24 14.10
CA GLU A 195 -4.27 9.21 12.99
C GLU A 195 -4.37 8.40 11.69
N VAL A 196 -5.25 8.84 10.79
CA VAL A 196 -5.48 8.27 9.44
C VAL A 196 -5.20 9.35 8.38
N GLU A 197 -4.42 9.00 7.36
CA GLU A 197 -4.17 9.79 6.15
C GLU A 197 -5.42 10.36 5.49
N SER A 198 -5.37 11.64 5.12
CA SER A 198 -6.39 12.21 4.28
C SER A 198 -6.55 11.46 2.93
N THR A 199 -7.80 11.24 2.51
CA THR A 199 -8.11 10.72 1.17
C THR A 199 -7.99 11.81 0.06
N LYS A 200 -7.86 13.09 0.42
CA LYS A 200 -7.72 14.18 -0.54
C LYS A 200 -6.30 14.26 -1.07
N ASN A 201 -6.14 14.59 -2.36
CA ASN A 201 -4.85 14.89 -2.97
C ASN A 201 -3.87 13.72 -2.74
N ASN A 202 -4.38 12.50 -2.80
CA ASN A 202 -3.62 11.29 -2.38
C ASN A 202 -3.17 10.46 -3.58
N PRO A 203 -1.86 10.46 -3.91
CA PRO A 203 -1.35 9.67 -5.06
C PRO A 203 -1.04 8.16 -4.78
N TYR A 204 -1.54 7.59 -3.68
CA TYR A 204 -1.10 6.26 -3.27
C TYR A 204 -2.12 5.13 -3.53
N ALA A 205 -2.98 5.31 -4.53
CA ALA A 205 -3.86 4.23 -4.93
C ALA A 205 -3.04 3.01 -5.32
N ASN A 206 -3.54 1.84 -4.94
CA ASN A 206 -2.90 0.59 -5.30
C ASN A 206 -3.35 0.16 -6.71
N ILE A 207 -2.47 -0.52 -7.42
CA ILE A 207 -2.61 -0.75 -8.84
C ILE A 207 -2.37 -2.22 -9.18
N ILE A 208 -2.83 -2.55 -10.38
CA ILE A 208 -2.39 -3.74 -11.07
C ILE A 208 -1.17 -3.37 -11.91
N ALA A 209 -0.09 -4.09 -11.70
CA ALA A 209 1.13 -3.95 -12.53
C ALA A 209 1.34 -5.22 -13.38
N VAL A 210 1.82 -5.00 -14.61
CA VAL A 210 2.12 -6.06 -15.58
C VAL A 210 3.47 -5.75 -16.21
N ARG A 211 3.99 -6.68 -16.99
CA ARG A 211 5.19 -6.44 -17.79
C ARG A 211 4.88 -5.50 -18.97
N LYS A 212 5.88 -4.72 -19.38
CA LYS A 212 5.71 -3.72 -20.44
C LYS A 212 5.28 -4.46 -21.69
N GLY A 213 4.29 -3.93 -22.39
CA GLY A 213 3.73 -4.57 -23.58
C GLY A 213 2.51 -5.46 -23.31
N GLU A 214 2.13 -5.66 -22.05
CA GLU A 214 1.00 -6.55 -21.72
C GLU A 214 -0.26 -5.84 -21.19
N GLU A 215 -0.20 -4.53 -21.05
CA GLU A 215 -1.29 -3.76 -20.42
C GLU A 215 -2.62 -3.70 -21.18
N ASP A 216 -2.60 -3.90 -22.50
CA ASP A 216 -3.83 -3.95 -23.29
C ASP A 216 -4.21 -5.37 -23.66
N SER A 217 -3.50 -6.38 -23.16
CA SER A 217 -3.89 -7.75 -23.49
C SER A 217 -5.34 -8.07 -23.03
N ALA A 218 -5.98 -8.98 -23.74
CA ALA A 218 -7.37 -9.45 -23.44
C ALA A 218 -7.56 -9.83 -21.96
N LYS A 219 -6.62 -10.61 -21.41
CA LYS A 219 -6.68 -11.07 -19.99
C LYS A 219 -6.71 -9.93 -19.01
N ILE A 220 -5.80 -8.98 -19.24
CA ILE A 220 -5.60 -7.87 -18.31
C ILE A 220 -6.77 -6.88 -18.36
N LYS A 221 -7.29 -6.63 -19.55
CA LYS A 221 -8.51 -5.84 -19.73
C LYS A 221 -9.72 -6.48 -19.06
N ALA A 222 -9.82 -7.81 -19.13
CA ALA A 222 -10.86 -8.57 -18.45
C ALA A 222 -10.76 -8.44 -16.92
N LEU A 223 -9.53 -8.53 -16.39
CA LEU A 223 -9.26 -8.35 -14.96
C LEU A 223 -9.62 -6.90 -14.50
N GLU A 225 -11.64 -4.82 -15.88
CA GLU A 225 -13.09 -4.77 -15.99
C GLU A 225 -13.80 -5.30 -14.75
N VAL A 226 -13.47 -6.50 -14.32
CA VAL A 226 -14.07 -7.06 -13.11
CA VAL A 226 -14.07 -7.05 -13.10
C VAL A 226 -13.74 -6.21 -11.85
N LEU A 227 -12.49 -5.76 -11.73
CA LEU A 227 -12.05 -5.00 -10.52
C LEU A 227 -12.68 -3.59 -10.43
N HIS A 228 -13.29 -3.18 -11.51
CA HIS A 228 -14.09 -1.91 -11.50
C HIS A 228 -15.57 -2.15 -11.56
N SER A 229 -15.99 -3.42 -11.50
CA SER A 229 -17.46 -3.72 -11.50
C SER A 229 -18.17 -3.13 -10.27
N LYS A 230 -19.48 -2.94 -10.35
CA LYS A 230 -20.25 -2.53 -9.17
C LYS A 230 -20.11 -3.58 -8.07
N LYS A 231 -20.18 -4.88 -8.42
CA LYS A 231 -20.01 -5.94 -7.42
C LYS A 231 -18.70 -5.84 -6.63
N ILE A 232 -17.56 -5.65 -7.32
CA ILE A 232 -16.28 -5.53 -6.60
C ILE A 232 -16.16 -4.22 -5.78
N LYS A 233 -16.61 -3.09 -6.32
CA LYS A 233 -16.59 -1.84 -5.55
C LYS A 233 -17.44 -1.90 -4.27
N ASP A 234 -18.65 -2.45 -4.39
CA ASP A 234 -19.55 -2.69 -3.25
C ASP A 234 -18.94 -3.70 -2.24
N PHE A 235 -18.29 -4.74 -2.74
CA PHE A 235 -17.59 -5.70 -1.84
C PHE A 235 -16.53 -5.02 -0.99
N ILE A 236 -15.67 -4.26 -1.65
CA ILE A 236 -14.61 -3.52 -0.98
C ILE A 236 -15.19 -2.59 0.07
N GLU A 237 -16.19 -1.82 -0.33
CA GLU A 237 -16.76 -0.84 0.53
C GLU A 237 -17.35 -1.47 1.81
N LYS A 238 -18.09 -2.57 1.68
CA LYS A 238 -18.75 -3.22 2.83
C LYS A 238 -17.79 -3.97 3.76
N LYS A 239 -16.89 -4.75 3.15
CA LYS A 239 -16.05 -5.71 3.89
C LYS A 239 -14.98 -5.05 4.79
N TYR A 240 -14.40 -3.93 4.34
CA TYR A 240 -13.25 -3.34 5.03
C TYR A 240 -13.57 -2.10 5.87
N ASP A 241 -14.85 -1.76 6.01
CA ASP A 241 -15.33 -0.72 6.93
C ASP A 241 -14.63 0.61 6.73
N GLY A 242 -14.45 1.01 5.48
CA GLY A 242 -13.88 2.32 5.18
C GLY A 242 -12.36 2.37 5.26
N ALA A 243 -11.71 1.27 5.70
CA ALA A 243 -10.22 1.21 5.72
C ALA A 243 -9.65 1.12 4.29
N VAL A 244 -10.47 0.59 3.37
CA VAL A 244 -10.09 0.40 1.96
C VAL A 244 -11.21 1.00 1.16
N LEU A 245 -10.85 1.81 0.17
CA LEU A 245 -11.77 2.57 -0.63
C LEU A 245 -11.53 2.27 -2.13
N PRO A 246 -12.59 1.89 -2.88
CA PRO A 246 -12.42 1.72 -4.35
C PRO A 246 -12.10 3.07 -5.01
N VAL A 247 -11.32 3.12 -6.09
CA VAL A 247 -11.08 4.39 -6.79
C VAL A 247 -11.29 4.14 -8.28
N SER A 248 -11.32 5.20 -9.09
CA SER A 248 -11.39 5.02 -10.51
C SER A 248 -10.01 4.51 -11.07
N GLU A 249 -10.07 3.92 -12.26
CA GLU A 249 -8.93 3.24 -12.90
C GLU A 249 -7.75 4.16 -13.30
#